data_5DF9
#
_entry.id   5DF9
#
_cell.length_a   176.884
_cell.length_b   41.264
_cell.length_c   87.786
_cell.angle_alpha   90.00
_cell.angle_beta   117.42
_cell.angle_gamma   90.00
#
_symmetry.space_group_name_H-M   'C 1 2 1'
#
loop_
_entity.id
_entity.type
_entity.pdbx_description
1 polymer 'Cell division protein'
2 non-polymer 'SULFATE ION'
3 non-polymer '(2R,5R)-2-[(R)-carboxy{[(2R)-2-{[(4-ethyl-2,3-dioxopiperazin-1-yl)carbonyl]amino}-2-(4-hydroxyphenyl)acetyl]amino}methyl]-5-methyl-5,6-dihydro-2H-1,3-thiazine-4-carboxylic acid'
4 non-polymer GLYCEROL
5 water water
#
_entity_poly.entity_id   1
_entity_poly.type   'polypeptide(L)'
_entity_poly.pdbx_seq_one_letter_code
;MAHHHHHHSSGLEVLFQGPDLHVIDHDFLKGQGDARSVRHIAIPAHRGLITDRNGEPLAVSTPVTTLWANPKELMTAKER
WPQLAAALGQDTKLFADRIEQNAEREFIYLVRGLTPEQGEGVIALKVPGVYSIEEFRRFYPAGEVVAHAVGFTDVDDRGR
EGIELAFDEWLAGVPGKRQVLKDRRGRVIKDVQVTKNAKPGKTLALSIDLRLQYLAHRELRNALLENGAKAGSLVIMDVK
TGEILAMTNQPTYNPNNRRNLQPAAMRNRAMIDVFEPGSTVKPFSMSAALASGRWKPSDIVDVYPGTLQIGRYTIRDVSR
NSRQLDLTGILIKSSNVGISKIAFDIGAESIYSVMQQVGLGQDTGLGFPGERVGNLPNHRKWPKAETATLAYGYGLSVTA
IQLAHAYAALANDGKSVPLSMTRVDRVPDGVQVISPEVASTVQGMLQQVVEAQGGVFRAQVPGYHAAGKSGTARKVSVGT
KGYRENAYRSLFAGFAPATDPRIAMVVVIDEPSKAGYFGGLVSAPVFSKVMAGALRLMNVPPDNLPTATEQQQVNAAPAK
GGRG
;
_entity_poly.pdbx_strand_id   A
#
# COMPACT_ATOMS: atom_id res chain seq x y z
N VAL A 38 17.16 44.89 11.56
CA VAL A 38 15.87 44.13 11.69
C VAL A 38 15.97 42.78 10.96
N ARG A 39 15.31 41.77 11.52
CA ARG A 39 15.40 40.39 11.00
C ARG A 39 14.04 39.87 10.53
N HIS A 40 14.05 38.67 9.97
CA HIS A 40 12.83 38.01 9.49
C HIS A 40 12.54 36.76 10.31
N ILE A 41 11.24 36.43 10.42
CA ILE A 41 10.83 35.09 10.83
C ILE A 41 10.01 34.50 9.68
N ALA A 42 10.35 33.29 9.27
CA ALA A 42 9.63 32.63 8.19
C ALA A 42 8.27 32.18 8.70
N ILE A 43 7.23 32.45 7.94
CA ILE A 43 5.87 31.99 8.28
C ILE A 43 5.49 30.83 7.37
N PRO A 44 5.11 29.69 7.96
CA PRO A 44 4.91 28.46 7.19
C PRO A 44 3.69 28.50 6.27
N ALA A 45 3.81 27.79 5.14
CA ALA A 45 2.72 27.70 4.17
C ALA A 45 1.71 26.64 4.61
N HIS A 46 0.47 26.82 4.16
CA HIS A 46 -0.60 25.85 4.42
C HIS A 46 -0.39 24.63 3.53
N ARG A 47 -0.12 23.48 4.14
CA ARG A 47 0.12 22.26 3.38
C ARG A 47 -1.16 21.79 2.71
N GLY A 48 -1.04 21.34 1.47
CA GLY A 48 -2.19 20.95 0.66
C GLY A 48 -2.96 19.77 1.21
N LEU A 49 -4.28 19.81 1.07
CA LEU A 49 -5.17 18.74 1.52
C LEU A 49 -4.95 17.47 0.69
N ILE A 50 -5.00 16.32 1.35
CA ILE A 50 -5.04 15.03 0.66
C ILE A 50 -6.40 14.40 0.90
N THR A 51 -7.06 13.98 -0.17
CA THR A 51 -8.38 13.39 -0.07
C THR A 51 -8.43 12.04 -0.76
N ASP A 52 -9.52 11.31 -0.57
CA ASP A 52 -9.76 10.09 -1.32
C ASP A 52 -10.32 10.49 -2.68
N ARG A 53 -10.67 9.50 -3.50
CA ARG A 53 -11.17 9.77 -4.86
C ARG A 53 -12.51 10.52 -4.91
N ASN A 54 -13.20 10.60 -3.78
CA ASN A 54 -14.52 11.26 -3.69
C ASN A 54 -14.51 12.57 -2.91
N GLY A 55 -13.36 12.95 -2.34
CA GLY A 55 -13.23 14.19 -1.58
C GLY A 55 -13.21 14.03 -0.07
N GLU A 56 -13.24 12.79 0.41
CA GLU A 56 -13.14 12.51 1.85
C GLU A 56 -11.73 12.85 2.32
N PRO A 57 -11.61 13.69 3.36
CA PRO A 57 -10.28 14.14 3.79
C PRO A 57 -9.44 13.04 4.46
N LEU A 58 -8.20 12.88 4.00
CA LEU A 58 -7.28 11.87 4.54
C LEU A 58 -6.10 12.47 5.30
N ALA A 59 -5.74 13.72 4.98
CA ALA A 59 -4.67 14.43 5.68
C ALA A 59 -4.90 15.94 5.58
N VAL A 60 -5.27 16.56 6.70
CA VAL A 60 -5.59 17.99 6.73
C VAL A 60 -4.64 18.70 7.69
N SER A 61 -4.27 19.93 7.32
CA SER A 61 -3.40 20.77 8.16
C SER A 61 -4.25 21.66 9.05
N THR A 62 -4.13 21.45 10.36
CA THR A 62 -4.85 22.25 11.35
C THR A 62 -3.95 23.37 11.86
N PRO A 63 -4.53 24.57 12.12
CA PRO A 63 -3.76 25.66 12.72
C PRO A 63 -3.23 25.32 14.10
N VAL A 64 -1.97 25.67 14.36
CA VAL A 64 -1.37 25.55 15.69
C VAL A 64 -0.54 26.79 15.99
N THR A 65 -0.45 27.14 17.27
CA THR A 65 0.25 28.35 17.70
C THR A 65 1.66 28.03 18.20
N THR A 66 2.61 28.87 17.81
CA THR A 66 3.98 28.82 18.31
C THR A 66 4.27 30.15 19.00
N LEU A 67 4.87 30.08 20.19
CA LEU A 67 5.19 31.27 20.97
C LEU A 67 6.68 31.45 21.08
N TRP A 68 7.16 32.65 20.76
CA TRP A 68 8.55 33.03 20.92
C TRP A 68 8.61 34.26 21.80
N ALA A 69 9.82 34.70 22.14
CA ALA A 69 9.98 35.84 23.04
C ALA A 69 11.25 36.63 22.80
N ASN A 70 11.23 37.87 23.29
CA ASN A 70 12.40 38.75 23.32
C ASN A 70 12.87 38.84 24.77
N PRO A 71 13.94 38.12 25.13
CA PRO A 71 14.47 38.11 26.51
C PRO A 71 14.78 39.50 27.08
N LYS A 72 15.16 40.43 26.20
CA LYS A 72 15.43 41.81 26.62
C LYS A 72 14.21 42.45 27.26
N GLU A 73 13.02 42.05 26.82
CA GLU A 73 11.76 42.53 27.39
C GLU A 73 11.28 41.67 28.57
N LEU A 74 11.44 40.36 28.47
CA LEU A 74 11.03 39.44 29.55
C LEU A 74 11.75 39.70 30.87
N MET A 75 13.02 40.09 30.79
CA MET A 75 13.83 40.37 31.98
C MET A 75 13.35 41.61 32.75
N THR A 76 12.43 42.37 32.16
CA THR A 76 11.81 43.53 32.83
C THR A 76 10.48 43.17 33.48
N ALA A 77 10.03 41.93 33.32
CA ALA A 77 8.75 41.46 33.88
C ALA A 77 8.93 40.09 34.54
N LYS A 78 9.98 39.97 35.35
CA LYS A 78 10.35 38.70 35.97
C LYS A 78 9.25 38.18 36.90
N GLU A 79 8.49 39.10 37.49
CA GLU A 79 7.34 38.76 38.32
C GLU A 79 6.28 37.91 37.61
N ARG A 80 6.17 38.06 36.29
CA ARG A 80 5.15 37.35 35.50
C ARG A 80 5.58 35.94 35.06
N TRP A 81 6.86 35.60 35.24
CA TRP A 81 7.42 34.35 34.75
C TRP A 81 6.74 33.08 35.26
N PRO A 82 6.47 33.00 36.58
CA PRO A 82 5.84 31.78 37.09
C PRO A 82 4.43 31.55 36.52
N GLN A 83 3.70 32.64 36.27
CA GLN A 83 2.39 32.57 35.64
C GLN A 83 2.51 32.11 34.18
N LEU A 84 3.51 32.66 33.48
CA LEU A 84 3.75 32.30 32.09
C LEU A 84 4.17 30.84 31.96
N ALA A 85 5.17 30.43 32.75
CA ALA A 85 5.65 29.05 32.76
C ALA A 85 4.53 28.05 33.03
N ALA A 86 3.64 28.39 33.96
CA ALA A 86 2.47 27.56 34.27
C ALA A 86 1.53 27.46 33.07
N ALA A 87 1.35 28.58 32.37
CA ALA A 87 0.51 28.62 31.17
C ALA A 87 1.12 27.81 30.01
N LEU A 88 2.45 27.69 30.00
CA LEU A 88 3.16 26.87 29.02
C LEU A 88 3.35 25.42 29.49
N GLY A 89 2.98 25.13 30.73
CA GLY A 89 3.16 23.80 31.31
C GLY A 89 4.63 23.44 31.49
N GLN A 90 5.42 24.39 31.99
CA GLN A 90 6.85 24.18 32.24
C GLN A 90 7.18 24.48 33.69
N ASP A 91 8.32 23.94 34.14
CA ASP A 91 8.81 24.20 35.50
C ASP A 91 9.22 25.66 35.62
N THR A 92 8.72 26.34 36.65
CA THR A 92 8.94 27.78 36.82
C THR A 92 10.41 28.12 36.98
N LYS A 93 11.16 27.25 37.67
CA LYS A 93 12.59 27.47 37.91
C LYS A 93 13.42 27.22 36.65
N LEU A 94 13.18 26.09 35.98
CA LEU A 94 13.90 25.78 34.74
C LEU A 94 13.54 26.76 33.62
N PHE A 95 12.30 27.26 33.63
CA PHE A 95 11.91 28.34 32.72
C PHE A 95 12.73 29.59 33.02
N ALA A 96 12.80 29.96 34.30
CA ALA A 96 13.57 31.13 34.74
C ALA A 96 15.06 30.97 34.42
N ASP A 97 15.61 29.79 34.74
CA ASP A 97 17.00 29.46 34.40
C ASP A 97 17.31 29.76 32.95
N ARG A 98 16.38 29.40 32.07
CA ARG A 98 16.57 29.54 30.63
C ARG A 98 16.52 31.00 30.19
N ILE A 99 15.49 31.73 30.62
CA ILE A 99 15.34 33.14 30.25
C ILE A 99 16.55 33.94 30.75
N GLU A 100 17.08 33.55 31.91
CA GLU A 100 18.28 34.19 32.46
C GLU A 100 19.50 34.00 31.56
N GLN A 101 19.81 32.76 31.21
CA GLN A 101 20.96 32.46 30.35
C GLN A 101 20.87 33.13 28.97
N ASN A 102 19.66 33.31 28.47
CA ASN A 102 19.43 33.92 27.16
C ASN A 102 19.02 35.39 27.24
N ALA A 103 19.31 36.04 28.38
CA ALA A 103 18.92 37.43 28.60
C ALA A 103 19.49 38.38 27.55
N GLU A 104 20.75 38.16 27.18
CA GLU A 104 21.43 39.01 26.20
C GLU A 104 20.96 38.76 24.77
N ARG A 105 20.33 37.61 24.53
CA ARG A 105 19.92 37.21 23.18
C ARG A 105 18.70 37.98 22.67
N GLU A 106 18.52 37.92 21.36
CA GLU A 106 17.52 38.70 20.63
C GLU A 106 16.20 37.97 20.45
N PHE A 107 16.27 36.64 20.30
CA PHE A 107 15.13 35.84 19.87
C PHE A 107 15.23 34.42 20.44
N ILE A 108 14.17 33.97 21.11
CA ILE A 108 14.06 32.57 21.54
C ILE A 108 12.63 32.05 21.41
N TYR A 109 12.51 30.77 21.09
CA TYR A 109 11.20 30.10 21.11
C TYR A 109 10.85 29.70 22.53
N LEU A 110 9.58 29.84 22.89
CA LEU A 110 9.09 29.40 24.19
C LEU A 110 8.48 28.01 24.07
N VAL A 111 7.62 27.84 23.08
CA VAL A 111 7.03 26.54 22.78
C VAL A 111 6.46 26.50 21.36
N ARG A 112 6.59 25.35 20.71
CA ARG A 112 6.05 25.15 19.37
C ARG A 112 4.81 24.26 19.40
N GLY A 113 3.84 24.56 18.56
CA GLY A 113 2.72 23.68 18.32
C GLY A 113 1.71 23.56 19.44
N LEU A 114 1.23 24.71 19.93
CA LEU A 114 0.09 24.75 20.84
C LEU A 114 -1.19 24.80 20.03
N THR A 115 -2.32 24.53 20.66
CA THR A 115 -3.62 24.67 20.01
C THR A 115 -3.95 26.16 19.95
N PRO A 116 -4.79 26.57 18.99
CA PRO A 116 -5.17 27.99 18.91
C PRO A 116 -5.91 28.52 20.15
N GLU A 117 -6.58 27.63 20.88
CA GLU A 117 -7.31 28.03 22.09
C GLU A 117 -6.36 28.24 23.27
N GLN A 118 -5.53 27.24 23.56
CA GLN A 118 -4.58 27.33 24.67
C GLN A 118 -3.41 28.26 24.34
N GLY A 119 -3.16 28.48 23.05
CA GLY A 119 -2.13 29.41 22.60
C GLY A 119 -2.46 30.84 22.94
N GLU A 120 -3.66 31.29 22.54
CA GLU A 120 -4.11 32.65 22.82
C GLU A 120 -4.41 32.89 24.30
N GLY A 121 -4.50 31.81 25.08
CA GLY A 121 -4.57 31.92 26.54
C GLY A 121 -3.33 32.59 27.11
N VAL A 122 -2.16 32.23 26.58
CA VAL A 122 -0.90 32.84 26.99
C VAL A 122 -0.80 34.30 26.51
N ILE A 123 -1.31 34.57 25.32
CA ILE A 123 -1.34 35.93 24.78
C ILE A 123 -2.18 36.86 25.66
N ALA A 124 -3.29 36.32 26.19
CA ALA A 124 -4.19 37.10 27.05
C ALA A 124 -3.57 37.48 28.41
N LEU A 125 -2.43 36.89 28.76
CA LEU A 125 -1.68 37.28 29.96
C LEU A 125 -0.95 38.61 29.79
N LYS A 126 -0.94 39.14 28.56
CA LYS A 126 -0.35 40.45 28.24
C LYS A 126 1.14 40.60 28.62
N VAL A 127 1.82 39.49 28.86
CA VAL A 127 3.20 39.53 29.34
C VAL A 127 4.05 40.20 28.27
N PRO A 128 4.79 41.27 28.64
CA PRO A 128 5.61 41.94 27.63
C PRO A 128 6.76 41.06 27.17
N GLY A 129 7.05 41.10 25.87
CA GLY A 129 8.19 40.38 25.31
C GLY A 129 7.86 39.05 24.63
N VAL A 130 6.63 38.57 24.81
CA VAL A 130 6.21 37.28 24.21
C VAL A 130 5.21 37.53 23.08
N TYR A 131 5.42 36.81 21.97
CA TYR A 131 4.63 36.99 20.76
C TYR A 131 4.26 35.63 20.16
N SER A 132 3.34 35.64 19.20
CA SER A 132 2.82 34.41 18.60
C SER A 132 3.18 34.29 17.12
N ILE A 133 3.25 33.04 16.66
CA ILE A 133 3.37 32.71 15.24
C ILE A 133 2.33 31.65 14.92
N GLU A 134 1.68 31.79 13.76
CA GLU A 134 0.68 30.83 13.32
C GLU A 134 1.39 29.74 12.52
N GLU A 135 1.31 28.49 12.99
CA GLU A 135 1.92 27.35 12.30
C GLU A 135 0.87 26.28 11.97
N PHE A 136 1.28 25.22 11.28
CA PHE A 136 0.38 24.14 10.89
C PHE A 136 0.89 22.77 11.30
N ARG A 137 -0.04 21.93 11.74
CA ARG A 137 0.24 20.56 12.17
C ARG A 137 -0.73 19.63 11.45
N ARG A 138 -0.22 18.49 10.98
CA ARG A 138 -1.03 17.53 10.22
C ARG A 138 -1.97 16.71 11.12
N PHE A 139 -3.16 16.44 10.62
CA PHE A 139 -4.11 15.52 11.26
C PHE A 139 -4.64 14.55 10.21
N TYR A 140 -4.84 13.30 10.61
CA TYR A 140 -5.24 12.22 9.70
C TYR A 140 -6.56 11.59 10.17
N PRO A 141 -7.69 12.06 9.62
CA PRO A 141 -9.03 11.61 10.02
C PRO A 141 -9.23 10.10 10.02
N ALA A 142 -8.69 9.41 9.02
CA ALA A 142 -8.88 7.96 8.88
C ALA A 142 -7.85 7.16 9.68
N GLY A 143 -6.85 7.86 10.24
CA GLY A 143 -5.86 7.23 11.11
C GLY A 143 -5.13 6.04 10.52
N GLU A 144 -5.20 4.91 11.21
CA GLU A 144 -4.46 3.70 10.84
C GLU A 144 -4.99 2.99 9.58
N VAL A 145 -6.17 3.39 9.12
CA VAL A 145 -6.82 2.74 7.98
C VAL A 145 -6.08 3.03 6.67
N VAL A 146 -5.54 4.25 6.54
CA VAL A 146 -4.80 4.66 5.34
C VAL A 146 -3.38 5.12 5.65
N ALA A 147 -2.92 4.85 6.86
CA ALA A 147 -1.63 5.35 7.32
C ALA A 147 -0.49 4.98 6.37
N HIS A 148 -0.47 3.72 5.95
CA HIS A 148 0.59 3.20 5.10
C HIS A 148 0.67 3.91 3.77
N ALA A 149 -0.49 4.14 3.15
CA ALA A 149 -0.55 4.84 1.87
C ALA A 149 -0.20 6.32 2.06
N VAL A 150 -0.97 6.99 2.92
CA VAL A 150 -0.85 8.43 3.11
C VAL A 150 0.53 8.82 3.67
N GLY A 151 1.00 8.07 4.65
CA GLY A 151 2.25 8.40 5.34
C GLY A 151 2.04 9.57 6.29
N PHE A 152 3.10 10.32 6.54
CA PHE A 152 3.03 11.44 7.48
C PHE A 152 4.15 12.46 7.36
N THR A 153 3.94 13.62 7.99
CA THR A 153 4.91 14.70 8.04
C THR A 153 5.59 14.74 9.40
N ASP A 154 6.85 15.15 9.41
CA ASP A 154 7.61 15.29 10.66
C ASP A 154 7.20 16.57 11.40
N VAL A 155 7.94 16.93 12.45
CA VAL A 155 7.59 18.10 13.28
C VAL A 155 7.53 19.42 12.51
N ASP A 156 8.31 19.52 11.44
CA ASP A 156 8.37 20.75 10.63
C ASP A 156 7.37 20.74 9.46
N ASP A 157 6.40 19.83 9.52
CA ASP A 157 5.37 19.71 8.49
C ASP A 157 5.95 19.35 7.11
N ARG A 158 7.02 18.56 7.10
CA ARG A 158 7.67 18.11 5.87
C ARG A 158 7.42 16.62 5.67
N GLY A 159 7.01 16.25 4.45
CA GLY A 159 6.70 14.86 4.12
C GLY A 159 7.86 13.92 4.35
N ARG A 160 7.59 12.80 5.03
CA ARG A 160 8.63 11.87 5.46
C ARG A 160 8.37 10.40 5.09
N GLU A 161 7.10 10.03 4.93
CA GLU A 161 6.72 8.69 4.50
C GLU A 161 5.51 8.76 3.58
N GLY A 162 5.30 7.70 2.80
CA GLY A 162 4.09 7.55 1.99
C GLY A 162 3.87 8.65 0.98
N ILE A 163 2.60 8.93 0.68
CA ILE A 163 2.22 9.98 -0.28
C ILE A 163 2.73 11.35 0.15
N GLU A 164 2.77 11.59 1.46
CA GLU A 164 3.29 12.84 2.00
C GLU A 164 4.71 13.11 1.51
N LEU A 165 5.54 12.07 1.49
CA LEU A 165 6.91 12.18 0.97
C LEU A 165 6.93 12.21 -0.55
N ALA A 166 6.16 11.30 -1.16
CA ALA A 166 6.14 11.18 -2.63
C ALA A 166 5.77 12.49 -3.33
N PHE A 167 4.67 13.10 -2.87
CA PHE A 167 4.16 14.32 -3.47
C PHE A 167 4.44 15.54 -2.58
N ASP A 168 5.61 15.56 -1.94
CA ASP A 168 5.95 16.62 -0.99
C ASP A 168 6.07 17.99 -1.66
N GLU A 169 6.69 18.05 -2.83
CA GLU A 169 6.77 19.28 -3.62
C GLU A 169 5.39 19.83 -3.91
N TRP A 170 4.49 18.95 -4.35
CA TRP A 170 3.13 19.30 -4.69
C TRP A 170 2.37 19.84 -3.48
N LEU A 171 2.49 19.15 -2.36
CA LEU A 171 1.71 19.44 -1.16
C LEU A 171 2.26 20.58 -0.30
N ALA A 172 3.55 20.87 -0.41
CA ALA A 172 4.20 21.80 0.51
C ALA A 172 3.80 23.25 0.28
N GLY A 173 4.09 23.77 -0.90
CA GLY A 173 3.91 25.19 -1.19
C GLY A 173 5.10 25.99 -0.70
N VAL A 174 5.06 27.31 -0.94
CA VAL A 174 6.19 28.18 -0.62
C VAL A 174 5.89 28.99 0.65
N PRO A 175 6.79 28.90 1.66
CA PRO A 175 6.56 29.65 2.90
C PRO A 175 6.77 31.15 2.70
N GLY A 176 6.17 31.94 3.57
CA GLY A 176 6.28 33.39 3.51
C GLY A 176 7.27 33.88 4.55
N LYS A 177 7.26 35.18 4.80
CA LYS A 177 8.06 35.77 5.87
C LYS A 177 7.56 37.15 6.25
N ARG A 178 7.71 37.48 7.53
CA ARG A 178 7.41 38.83 8.03
C ARG A 178 8.62 39.38 8.78
N GLN A 179 8.83 40.69 8.64
CA GLN A 179 9.99 41.34 9.26
C GLN A 179 9.63 41.77 10.69
N VAL A 180 10.57 41.62 11.61
CA VAL A 180 10.39 42.06 12.99
C VAL A 180 11.07 43.44 13.11
N LEU A 181 10.36 44.41 13.69
CA LEU A 181 10.86 45.79 13.75
C LEU A 181 11.13 46.20 15.19
N LYS A 182 12.39 46.51 15.50
CA LYS A 182 12.79 47.02 16.81
C LYS A 182 12.99 48.53 16.77
N ASP A 183 13.06 49.15 17.96
CA ASP A 183 13.13 50.61 18.09
C ASP A 183 14.48 51.05 18.71
N ARG A 184 14.53 52.29 19.21
CA ARG A 184 15.77 52.86 19.79
C ARG A 184 16.38 52.01 20.90
N ARG A 185 15.53 51.41 21.73
CA ARG A 185 15.99 50.67 22.91
C ARG A 185 15.97 49.13 22.75
N GLY A 186 15.67 48.66 21.55
CA GLY A 186 15.65 47.22 21.26
C GLY A 186 14.34 46.53 21.60
N ARG A 187 13.26 47.30 21.73
CA ARG A 187 11.91 46.76 21.92
C ARG A 187 11.25 46.58 20.56
N VAL A 188 10.56 45.46 20.37
CA VAL A 188 9.89 45.17 19.09
C VAL A 188 8.45 45.68 19.13
N ILE A 189 8.01 46.30 18.02
CA ILE A 189 6.69 46.92 17.93
C ILE A 189 5.79 46.16 16.97
N LYS A 190 4.51 46.05 17.33
CA LYS A 190 3.56 45.19 16.60
C LYS A 190 2.55 45.96 15.74
N ASP A 191 2.34 47.24 16.04
CA ASP A 191 1.36 48.06 15.32
C ASP A 191 1.58 48.12 13.80
N VAL A 192 2.85 48.01 13.37
CA VAL A 192 3.20 47.97 11.95
C VAL A 192 3.74 46.59 11.58
N GLN A 193 3.38 46.12 10.38
CA GLN A 193 3.77 44.78 9.92
C GLN A 193 4.17 44.77 8.44
N VAL A 194 5.38 44.28 8.16
CA VAL A 194 5.84 44.01 6.80
C VAL A 194 5.74 42.51 6.59
N THR A 195 4.92 42.09 5.63
CA THR A 195 4.58 40.68 5.46
C THR A 195 4.56 40.24 3.99
N LYS A 196 5.21 39.11 3.72
CA LYS A 196 5.06 38.42 2.44
C LYS A 196 4.22 37.16 2.67
N ASN A 197 3.04 37.14 2.08
CA ASN A 197 2.12 36.00 2.24
C ASN A 197 2.71 34.72 1.69
N ALA A 198 2.55 33.63 2.45
CA ALA A 198 3.00 32.31 2.02
C ALA A 198 2.03 31.77 0.97
N LYS A 199 2.55 31.01 0.01
CA LYS A 199 1.71 30.36 -0.98
C LYS A 199 1.30 28.97 -0.49
N PRO A 200 -0.01 28.71 -0.41
CA PRO A 200 -0.48 27.43 0.12
C PRO A 200 -0.27 26.26 -0.85
N GLY A 201 -0.05 25.07 -0.31
CA GLY A 201 0.12 23.87 -1.13
C GLY A 201 -1.14 23.47 -1.87
N LYS A 202 -0.98 22.55 -2.82
CA LYS A 202 -2.08 22.15 -3.70
C LYS A 202 -2.77 20.88 -3.21
N THR A 203 -4.08 20.81 -3.44
CA THR A 203 -4.86 19.63 -3.07
C THR A 203 -4.46 18.45 -3.93
N LEU A 204 -4.48 17.26 -3.33
CA LEU A 204 -4.20 16.03 -4.05
C LEU A 204 -5.32 15.02 -3.78
N ALA A 205 -5.96 14.55 -4.86
CA ALA A 205 -6.98 13.53 -4.75
C ALA A 205 -6.36 12.17 -5.05
N LEU A 206 -6.43 11.26 -4.07
CA LEU A 206 -5.90 9.92 -4.25
C LEU A 206 -6.87 9.04 -5.02
N SER A 207 -6.35 7.92 -5.52
CA SER A 207 -7.16 6.93 -6.23
C SER A 207 -7.99 6.11 -5.25
N ILE A 208 -7.50 5.99 -4.02
CA ILE A 208 -8.15 5.17 -3.00
C ILE A 208 -9.58 5.63 -2.71
N ASP A 209 -10.48 4.66 -2.61
CA ASP A 209 -11.85 4.89 -2.18
C ASP A 209 -11.92 4.57 -0.68
N LEU A 210 -12.16 5.60 0.12
CA LEU A 210 -12.11 5.46 1.59
C LEU A 210 -13.12 4.44 2.12
N ARG A 211 -14.34 4.47 1.56
CA ARG A 211 -15.37 3.50 1.93
C ARG A 211 -14.88 2.07 1.71
N LEU A 212 -14.12 1.88 0.63
CA LEU A 212 -13.61 0.58 0.25
C LEU A 212 -12.36 0.22 1.06
N GLN A 213 -11.56 1.21 1.40
CA GLN A 213 -10.40 1.01 2.26
C GLN A 213 -10.84 0.50 3.63
N TYR A 214 -11.85 1.15 4.21
CA TYR A 214 -12.40 0.73 5.50
C TYR A 214 -12.78 -0.73 5.49
N LEU A 215 -13.59 -1.12 4.52
CA LEU A 215 -14.00 -2.51 4.36
C LEU A 215 -12.79 -3.43 4.28
N ALA A 216 -11.85 -3.12 3.39
CA ALA A 216 -10.65 -3.93 3.19
C ALA A 216 -9.82 -4.05 4.47
N HIS A 217 -9.70 -2.94 5.19
CA HIS A 217 -8.95 -2.90 6.45
C HIS A 217 -9.57 -3.79 7.54
N ARG A 218 -10.89 -3.71 7.69
CA ARG A 218 -11.62 -4.56 8.63
C ARG A 218 -11.34 -6.04 8.38
N GLU A 219 -11.60 -6.47 7.16
CA GLU A 219 -11.55 -7.88 6.81
C GLU A 219 -10.16 -8.49 6.90
N LEU A 220 -9.13 -7.73 6.52
CA LEU A 220 -7.75 -8.22 6.64
C LEU A 220 -7.36 -8.36 8.11
N ARG A 221 -7.77 -7.38 8.93
CA ARG A 221 -7.52 -7.44 10.36
C ARG A 221 -8.23 -8.65 10.98
N ASN A 222 -9.48 -8.86 10.60
CA ASN A 222 -10.25 -10.02 11.09
C ASN A 222 -9.56 -11.33 10.75
N ALA A 223 -9.22 -11.50 9.48
CA ALA A 223 -8.58 -12.71 8.99
C ALA A 223 -7.23 -12.95 9.68
N LEU A 224 -6.49 -11.88 9.90
CA LEU A 224 -5.17 -11.98 10.55
C LEU A 224 -5.31 -12.41 12.01
N LEU A 225 -6.33 -11.90 12.69
CA LEU A 225 -6.59 -12.28 14.08
C LEU A 225 -7.20 -13.67 14.17
N GLU A 226 -8.10 -14.00 13.25
CA GLU A 226 -8.75 -15.31 13.24
C GLU A 226 -7.74 -16.44 13.05
N ASN A 227 -6.74 -16.20 12.19
CA ASN A 227 -5.75 -17.23 11.85
C ASN A 227 -4.44 -17.11 12.62
N GLY A 228 -4.34 -16.15 13.53
CA GLY A 228 -3.10 -15.90 14.26
C GLY A 228 -1.94 -15.62 13.33
N ALA A 229 -2.18 -14.83 12.29
CA ALA A 229 -1.15 -14.48 11.31
C ALA A 229 -0.32 -13.30 11.81
N LYS A 230 0.89 -13.16 11.28
CA LYS A 230 1.83 -12.13 11.76
C LYS A 230 1.86 -10.87 10.88
N ALA A 231 1.45 -11.00 9.62
CA ALA A 231 1.37 -9.85 8.72
C ALA A 231 0.47 -10.15 7.54
N GLY A 232 0.03 -9.09 6.86
CA GLY A 232 -0.84 -9.25 5.69
C GLY A 232 -0.94 -8.02 4.81
N SER A 233 -1.40 -8.24 3.58
CA SER A 233 -1.62 -7.16 2.63
C SER A 233 -2.84 -7.46 1.77
N LEU A 234 -3.58 -6.40 1.42
CA LEU A 234 -4.73 -6.52 0.53
C LEU A 234 -4.74 -5.36 -0.44
N VAL A 235 -4.79 -5.66 -1.73
CA VAL A 235 -4.75 -4.65 -2.78
C VAL A 235 -6.00 -4.75 -3.64
N ILE A 236 -6.64 -3.61 -3.88
CA ILE A 236 -7.80 -3.54 -4.76
C ILE A 236 -7.48 -2.54 -5.86
N MET A 237 -7.76 -2.93 -7.10
CA MET A 237 -7.41 -2.14 -8.26
C MET A 237 -8.53 -2.16 -9.29
N ASP A 238 -8.79 -1.00 -9.88
CA ASP A 238 -9.69 -0.88 -11.02
C ASP A 238 -8.93 -1.35 -12.25
N VAL A 239 -9.38 -2.45 -12.85
CA VAL A 239 -8.67 -3.06 -13.98
C VAL A 239 -8.72 -2.17 -15.24
N LYS A 240 -9.77 -1.36 -15.36
CA LYS A 240 -9.96 -0.51 -16.53
C LYS A 240 -9.10 0.76 -16.51
N THR A 241 -8.96 1.38 -15.33
CA THR A 241 -8.26 2.66 -15.20
C THR A 241 -6.88 2.54 -14.53
N GLY A 242 -6.55 1.36 -14.02
CA GLY A 242 -5.28 1.15 -13.32
C GLY A 242 -5.21 1.79 -11.95
N GLU A 243 -6.35 2.29 -11.46
CA GLU A 243 -6.40 3.00 -10.18
C GLU A 243 -6.38 2.03 -9.02
N ILE A 244 -5.64 2.38 -7.97
CA ILE A 244 -5.62 1.61 -6.74
C ILE A 244 -6.76 2.10 -5.85
N LEU A 245 -7.85 1.34 -5.80
CA LEU A 245 -9.03 1.72 -5.02
C LEU A 245 -8.87 1.46 -3.54
N ALA A 246 -8.01 0.50 -3.18
CA ALA A 246 -7.67 0.25 -1.78
C ALA A 246 -6.35 -0.50 -1.64
N MET A 247 -5.61 -0.15 -0.60
CA MET A 247 -4.32 -0.78 -0.30
C MET A 247 -4.10 -0.69 1.20
N THR A 248 -4.20 -1.83 1.87
CA THR A 248 -4.11 -1.89 3.32
C THR A 248 -3.14 -2.99 3.75
N ASN A 249 -2.53 -2.81 4.91
CA ASN A 249 -1.58 -3.77 5.45
C ASN A 249 -1.75 -3.94 6.94
N GLN A 250 -1.31 -5.08 7.44
CA GLN A 250 -1.31 -5.36 8.85
C GLN A 250 0.08 -5.93 9.17
N PRO A 251 0.72 -5.46 10.26
CA PRO A 251 0.27 -4.51 11.26
C PRO A 251 0.30 -3.07 10.78
N THR A 252 -0.52 -2.22 11.40
CA THR A 252 -0.57 -0.80 11.06
C THR A 252 -0.28 0.05 12.30
N TYR A 253 -0.50 1.36 12.20
CA TYR A 253 -0.17 2.29 13.27
C TYR A 253 -1.00 3.56 13.16
N ASN A 254 -1.13 4.26 14.28
CA ASN A 254 -1.86 5.53 14.34
C ASN A 254 -0.92 6.69 14.01
N PRO A 255 -1.07 7.31 12.83
CA PRO A 255 -0.18 8.40 12.44
C PRO A 255 -0.41 9.71 13.21
N ASN A 256 -1.46 9.77 14.02
CA ASN A 256 -1.73 10.91 14.90
C ASN A 256 -1.06 10.77 16.27
N ASN A 257 -0.64 9.55 16.60
CA ASN A 257 0.04 9.28 17.87
C ASN A 257 1.13 8.23 17.66
N ARG A 258 2.36 8.70 17.43
CA ARG A 258 3.47 7.84 17.01
C ARG A 258 4.59 7.72 18.04
N ARG A 259 4.27 7.93 19.32
CA ARG A 259 5.25 7.71 20.38
C ARG A 259 5.49 6.21 20.51
N ASN A 260 6.77 5.82 20.51
CA ASN A 260 7.18 4.41 20.55
C ASN A 260 6.51 3.59 19.46
N LEU A 261 7.20 3.43 18.34
CA LEU A 261 6.62 2.77 17.17
C LEU A 261 7.55 1.72 16.59
N GLN A 262 6.97 0.56 16.26
CA GLN A 262 7.70 -0.54 15.66
C GLN A 262 7.99 -0.22 14.19
N PRO A 263 9.24 -0.45 13.74
CA PRO A 263 9.54 -0.30 12.32
C PRO A 263 8.67 -1.19 11.44
N ALA A 264 8.39 -2.40 11.92
CA ALA A 264 7.53 -3.34 11.22
C ALA A 264 6.12 -2.78 10.98
N ALA A 265 5.60 -2.02 11.94
CA ALA A 265 4.24 -1.50 11.86
C ALA A 265 4.07 -0.38 10.83
N MET A 266 5.18 0.23 10.42
CA MET A 266 5.15 1.35 9.48
C MET A 266 5.27 0.92 8.01
N ARG A 267 5.58 -0.35 7.77
CA ARG A 267 5.83 -0.82 6.41
C ARG A 267 4.56 -0.91 5.57
N ASN A 268 4.56 -0.24 4.42
CA ASN A 268 3.54 -0.48 3.40
C ASN A 268 3.93 -1.72 2.62
N ARG A 269 3.62 -2.88 3.19
CA ARG A 269 4.11 -4.16 2.68
C ARG A 269 3.67 -4.45 1.24
N ALA A 270 2.50 -3.93 0.88
CA ALA A 270 1.96 -4.09 -0.47
C ALA A 270 2.92 -3.58 -1.56
N MET A 271 3.73 -2.58 -1.23
CA MET A 271 4.72 -2.04 -2.16
C MET A 271 6.17 -2.25 -1.71
N ILE A 272 6.39 -2.41 -0.40
CA ILE A 272 7.72 -2.42 0.19
C ILE A 272 8.25 -3.85 0.39
N ASP A 273 7.36 -4.83 0.49
CA ASP A 273 7.77 -6.22 0.70
C ASP A 273 7.48 -7.10 -0.51
N VAL A 274 8.40 -8.02 -0.79
CA VAL A 274 8.30 -8.91 -1.94
C VAL A 274 8.12 -10.36 -1.49
N PHE A 275 7.61 -11.20 -2.38
CA PHE A 275 7.37 -12.59 -2.08
C PHE A 275 7.33 -13.42 -3.36
N GLU A 276 7.62 -14.72 -3.23
CA GLU A 276 7.41 -15.66 -4.31
C GLU A 276 5.91 -15.96 -4.38
N PRO A 277 5.27 -15.73 -5.55
CA PRO A 277 3.82 -15.77 -5.62
C PRO A 277 3.19 -17.16 -5.81
N GLY A 278 4.00 -18.21 -5.87
CA GLY A 278 3.48 -19.58 -5.94
C GLY A 278 2.60 -19.80 -7.15
N SER A 279 1.48 -20.49 -6.97
CA SER A 279 0.62 -20.87 -8.09
C SER A 279 -0.27 -19.74 -8.61
N THR A 280 -0.20 -18.56 -7.99
CA THR A 280 -1.00 -17.43 -8.46
C THR A 280 -0.49 -16.88 -9.81
N VAL A 281 0.69 -17.34 -10.26
CA VAL A 281 1.21 -16.95 -11.57
C VAL A 281 1.08 -18.06 -12.63
N LYS A 282 0.38 -19.14 -12.29
CA LYS A 282 0.11 -20.21 -13.26
C LYS A 282 -0.75 -19.80 -14.45
N PRO A 283 -1.77 -18.94 -14.23
CA PRO A 283 -2.52 -18.47 -15.40
C PRO A 283 -1.68 -17.70 -16.44
N PHE A 284 -0.53 -17.17 -16.01
CA PHE A 284 0.39 -16.51 -16.93
C PHE A 284 1.29 -17.52 -17.64
N SER A 285 1.67 -18.59 -16.94
CA SER A 285 2.32 -19.73 -17.57
C SER A 285 1.37 -20.33 -18.60
N MET A 286 0.10 -20.45 -18.22
CA MET A 286 -0.94 -20.99 -19.09
C MET A 286 -1.21 -20.09 -20.29
N SER A 287 -1.11 -18.77 -20.09
CA SER A 287 -1.26 -17.81 -21.18
C SER A 287 -0.18 -18.04 -22.25
N ALA A 288 1.05 -18.24 -21.78
CA ALA A 288 2.18 -18.54 -22.68
C ALA A 288 1.98 -19.86 -23.42
N ALA A 289 1.38 -20.83 -22.75
CA ALA A 289 1.09 -22.14 -23.35
C ALA A 289 0.08 -22.00 -24.50
N LEU A 290 -1.01 -21.29 -24.24
CA LEU A 290 -2.05 -21.11 -25.25
C LEU A 290 -1.57 -20.28 -26.43
N ALA A 291 -0.75 -19.26 -26.15
CA ALA A 291 -0.24 -18.37 -27.19
C ALA A 291 0.84 -19.03 -28.07
N SER A 292 1.51 -20.05 -27.55
CA SER A 292 2.54 -20.76 -28.29
C SER A 292 1.99 -21.55 -29.48
N GLY A 293 0.72 -21.97 -29.37
CA GLY A 293 0.07 -22.76 -30.42
C GLY A 293 0.31 -24.25 -30.29
N ARG A 294 0.83 -24.66 -29.14
CA ARG A 294 1.13 -26.05 -28.86
C ARG A 294 0.05 -26.70 -28.00
N TRP A 295 -0.76 -25.87 -27.33
CA TRP A 295 -1.71 -26.34 -26.33
C TRP A 295 -3.11 -25.74 -26.51
N LYS A 296 -4.12 -26.54 -26.19
CA LYS A 296 -5.51 -26.10 -26.18
C LYS A 296 -6.15 -26.54 -24.86
N PRO A 297 -7.22 -25.84 -24.42
CA PRO A 297 -7.85 -26.13 -23.13
C PRO A 297 -8.19 -27.61 -22.90
N SER A 298 -8.59 -28.32 -23.96
CA SER A 298 -9.03 -29.71 -23.86
C SER A 298 -7.90 -30.74 -23.87
N ASP A 299 -6.66 -30.29 -23.96
CA ASP A 299 -5.51 -31.21 -23.85
C ASP A 299 -5.44 -31.81 -22.47
N ILE A 300 -4.97 -33.06 -22.41
CA ILE A 300 -4.79 -33.78 -21.16
C ILE A 300 -3.29 -33.92 -20.88
N VAL A 301 -2.91 -33.93 -19.61
CA VAL A 301 -1.52 -34.12 -19.21
C VAL A 301 -1.45 -35.17 -18.10
N ASP A 302 -0.55 -36.14 -18.26
CA ASP A 302 -0.36 -37.18 -17.27
C ASP A 302 0.55 -36.66 -16.16
N VAL A 303 0.00 -36.59 -14.94
CA VAL A 303 0.72 -36.07 -13.77
C VAL A 303 1.04 -37.16 -12.74
N TYR A 304 0.91 -38.43 -13.15
CA TYR A 304 1.18 -39.56 -12.26
C TYR A 304 2.68 -39.65 -11.95
N PRO A 305 3.04 -39.98 -10.69
CA PRO A 305 2.22 -40.23 -9.51
C PRO A 305 2.04 -39.00 -8.61
N GLY A 306 2.05 -37.81 -9.20
CA GLY A 306 1.99 -36.57 -8.44
C GLY A 306 3.36 -36.09 -7.98
N THR A 307 4.42 -36.65 -8.56
CA THR A 307 5.78 -36.17 -8.33
C THR A 307 6.58 -36.23 -9.62
N LEU A 308 7.65 -35.45 -9.68
CA LEU A 308 8.52 -35.41 -10.85
C LEU A 308 9.95 -35.07 -10.43
N GLN A 309 10.80 -36.09 -10.39
CA GLN A 309 12.18 -35.94 -9.93
C GLN A 309 13.03 -35.27 -11.02
N ILE A 310 13.60 -34.12 -10.69
CA ILE A 310 14.50 -33.40 -11.59
C ILE A 310 15.88 -33.33 -10.97
N GLY A 311 16.64 -34.42 -11.12
CA GLY A 311 18.01 -34.50 -10.60
C GLY A 311 18.04 -34.68 -9.09
N ARG A 312 18.76 -33.81 -8.41
CA ARG A 312 18.91 -33.89 -6.95
C ARG A 312 17.74 -33.23 -6.19
N TYR A 313 16.79 -32.65 -6.92
CA TYR A 313 15.60 -32.03 -6.33
C TYR A 313 14.33 -32.62 -6.92
N THR A 314 13.21 -32.44 -6.23
CA THR A 314 11.93 -33.06 -6.60
C THR A 314 10.75 -32.08 -6.58
N ILE A 315 9.89 -32.20 -7.59
CA ILE A 315 8.65 -31.43 -7.67
C ILE A 315 7.53 -32.30 -7.11
N ARG A 316 6.63 -31.71 -6.33
CA ARG A 316 5.54 -32.45 -5.69
C ARG A 316 4.17 -31.80 -5.91
N ASP A 317 3.18 -32.63 -6.22
CA ASP A 317 1.78 -32.23 -6.18
C ASP A 317 1.22 -32.59 -4.81
N VAL A 318 0.44 -31.68 -4.23
CA VAL A 318 -0.15 -31.90 -2.90
C VAL A 318 -1.37 -32.83 -3.01
N SER A 319 -2.30 -32.50 -3.90
CA SER A 319 -3.46 -33.35 -4.17
C SER A 319 -3.13 -34.37 -5.25
N ARG A 320 -2.59 -35.51 -4.84
CA ARG A 320 -2.24 -36.60 -5.77
C ARG A 320 -3.46 -37.49 -6.01
N ASN A 321 -4.53 -36.89 -6.50
CA ASN A 321 -5.84 -37.54 -6.58
C ASN A 321 -6.16 -38.10 -7.97
N SER A 322 -5.34 -37.79 -8.97
CA SER A 322 -5.56 -38.24 -10.34
C SER A 322 -4.25 -38.46 -11.09
N ARG A 323 -4.31 -39.31 -12.11
CA ARG A 323 -3.18 -39.57 -13.00
C ARG A 323 -3.14 -38.53 -14.09
N GLN A 324 -4.30 -38.19 -14.63
CA GLN A 324 -4.40 -37.28 -15.78
C GLN A 324 -5.32 -36.10 -15.48
N LEU A 325 -4.88 -34.90 -15.86
CA LEU A 325 -5.65 -33.67 -15.72
C LEU A 325 -5.64 -32.87 -17.03
N ASP A 326 -6.75 -32.22 -17.33
CA ASP A 326 -6.80 -31.27 -18.45
C ASP A 326 -6.28 -29.91 -17.97
N LEU A 327 -6.09 -28.98 -18.90
CA LEU A 327 -5.46 -27.69 -18.58
C LEU A 327 -6.17 -26.97 -17.44
N THR A 328 -7.50 -26.89 -17.53
CA THR A 328 -8.29 -26.27 -16.46
C THR A 328 -8.10 -27.01 -15.13
N GLY A 329 -8.05 -28.34 -15.20
CA GLY A 329 -7.82 -29.17 -14.03
C GLY A 329 -6.47 -28.97 -13.36
N ILE A 330 -5.47 -28.56 -14.16
CA ILE A 330 -4.14 -28.27 -13.63
C ILE A 330 -4.16 -27.05 -12.71
N LEU A 331 -5.02 -26.08 -13.05
CA LEU A 331 -5.19 -24.89 -12.21
C LEU A 331 -6.07 -25.20 -10.99
N ILE A 332 -7.18 -25.89 -11.21
CA ILE A 332 -8.09 -26.25 -10.12
C ILE A 332 -7.36 -27.02 -9.03
N LYS A 333 -6.73 -28.13 -9.42
CA LYS A 333 -5.99 -28.97 -8.46
C LYS A 333 -4.58 -28.46 -8.20
N SER A 334 -4.21 -27.35 -8.84
CA SER A 334 -2.93 -26.69 -8.61
C SER A 334 -1.77 -27.68 -8.76
N SER A 335 -1.74 -28.36 -9.91
CA SER A 335 -0.72 -29.36 -10.19
C SER A 335 0.59 -28.71 -10.63
N ASN A 336 1.58 -28.71 -9.74
CA ASN A 336 2.91 -28.23 -10.06
C ASN A 336 3.61 -29.12 -11.08
N VAL A 337 3.33 -30.42 -11.01
CA VAL A 337 3.86 -31.37 -11.98
C VAL A 337 3.26 -31.11 -13.37
N GLY A 338 1.95 -30.89 -13.42
CA GLY A 338 1.25 -30.64 -14.67
C GLY A 338 1.75 -29.42 -15.42
N ILE A 339 1.90 -28.31 -14.71
CA ILE A 339 2.36 -27.06 -15.33
C ILE A 339 3.84 -27.12 -15.69
N SER A 340 4.60 -27.93 -14.96
CA SER A 340 6.03 -28.12 -15.24
C SER A 340 6.27 -28.82 -16.57
N LYS A 341 5.48 -29.86 -16.83
CA LYS A 341 5.58 -30.61 -18.10
C LYS A 341 5.26 -29.71 -19.29
N ILE A 342 4.28 -28.84 -19.14
CA ILE A 342 3.92 -27.87 -20.18
C ILE A 342 5.08 -26.90 -20.40
N ALA A 343 5.72 -26.48 -19.32
CA ALA A 343 6.81 -25.52 -19.39
C ALA A 343 8.02 -26.08 -20.13
N PHE A 344 8.29 -27.38 -19.95
CA PHE A 344 9.36 -28.05 -20.69
C PHE A 344 9.08 -28.03 -22.18
N ASP A 345 7.81 -28.23 -22.54
CA ASP A 345 7.38 -28.24 -23.94
C ASP A 345 7.53 -26.87 -24.60
N ILE A 346 7.02 -25.82 -23.96
CA ILE A 346 7.01 -24.48 -24.56
C ILE A 346 8.27 -23.66 -24.27
N GLY A 347 9.03 -24.05 -23.25
CA GLY A 347 10.24 -23.35 -22.86
C GLY A 347 9.97 -22.20 -21.91
N ALA A 348 10.99 -21.86 -21.11
CA ALA A 348 10.85 -20.78 -20.11
C ALA A 348 10.81 -19.40 -20.73
N GLU A 349 11.38 -19.25 -21.93
CA GLU A 349 11.45 -17.95 -22.60
C GLU A 349 10.05 -17.38 -22.84
N SER A 350 9.13 -18.25 -23.26
CA SER A 350 7.73 -17.85 -23.49
C SER A 350 7.03 -17.45 -22.18
N ILE A 351 7.35 -18.14 -21.10
CA ILE A 351 6.74 -17.87 -19.79
C ILE A 351 7.27 -16.56 -19.21
N TYR A 352 8.59 -16.41 -19.26
CA TYR A 352 9.26 -15.20 -18.76
C TYR A 352 8.74 -13.93 -19.43
N SER A 353 8.48 -14.00 -20.73
CA SER A 353 8.03 -12.85 -21.49
C SER A 353 6.65 -12.39 -21.02
N VAL A 354 5.72 -13.32 -20.88
CA VAL A 354 4.37 -12.99 -20.45
C VAL A 354 4.41 -12.33 -19.07
N MET A 355 5.14 -12.93 -18.14
CA MET A 355 5.27 -12.41 -16.77
C MET A 355 5.87 -11.01 -16.77
N GLN A 356 6.84 -10.79 -17.66
CA GLN A 356 7.48 -9.49 -17.80
C GLN A 356 6.52 -8.47 -18.39
N GLN A 357 5.73 -8.89 -19.37
CA GLN A 357 4.78 -8.00 -20.02
C GLN A 357 3.64 -7.57 -19.07
N VAL A 358 3.23 -8.46 -18.17
CA VAL A 358 2.16 -8.12 -17.20
C VAL A 358 2.68 -7.37 -15.97
N GLY A 359 4.00 -7.24 -15.85
CA GLY A 359 4.62 -6.34 -14.88
C GLY A 359 5.30 -6.99 -13.68
N LEU A 360 5.40 -8.32 -13.69
CA LEU A 360 6.01 -9.03 -12.56
C LEU A 360 7.51 -8.80 -12.51
N GLY A 361 8.01 -8.32 -11.39
CA GLY A 361 9.42 -7.97 -11.25
C GLY A 361 9.81 -6.74 -12.06
N GLN A 362 8.83 -5.88 -12.33
CA GLN A 362 9.03 -4.70 -13.18
C GLN A 362 8.65 -3.43 -12.43
N ASP A 363 9.31 -2.33 -12.79
CA ASP A 363 9.00 -1.01 -12.23
C ASP A 363 7.55 -0.64 -12.52
N THR A 364 6.84 -0.19 -11.49
CA THR A 364 5.42 0.18 -11.61
C THR A 364 5.21 1.61 -12.13
N GLY A 365 6.22 2.46 -11.94
CA GLY A 365 6.13 3.85 -12.36
C GLY A 365 5.41 4.75 -11.36
N LEU A 366 5.16 4.23 -10.16
CA LEU A 366 4.41 4.97 -9.15
C LEU A 366 5.28 5.93 -8.36
N GLY A 367 6.51 5.52 -8.06
CA GLY A 367 7.45 6.35 -7.31
C GLY A 367 7.11 6.45 -5.83
N PHE A 368 6.57 5.36 -5.27
CA PHE A 368 6.28 5.31 -3.84
C PHE A 368 7.59 5.10 -3.08
N PRO A 369 7.76 5.79 -1.93
CA PRO A 369 9.00 5.68 -1.16
C PRO A 369 9.32 4.26 -0.66
N GLY A 370 10.47 3.73 -1.08
CA GLY A 370 10.92 2.41 -0.68
C GLY A 370 10.29 1.27 -1.48
N GLU A 371 9.57 1.61 -2.55
CA GLU A 371 8.88 0.61 -3.37
C GLU A 371 9.85 -0.35 -4.02
N ARG A 372 9.46 -1.61 -4.09
CA ARG A 372 10.34 -2.68 -4.58
C ARG A 372 9.95 -3.10 -5.99
N VAL A 373 10.96 -3.20 -6.87
CA VAL A 373 10.77 -3.71 -8.22
C VAL A 373 10.61 -5.23 -8.18
N GLY A 374 11.30 -5.88 -7.24
CA GLY A 374 11.31 -7.33 -7.16
C GLY A 374 12.32 -7.89 -8.15
N ASN A 375 12.19 -9.17 -8.47
CA ASN A 375 13.15 -9.82 -9.37
C ASN A 375 12.51 -10.89 -10.25
N LEU A 376 12.60 -10.68 -11.56
CA LEU A 376 12.24 -11.69 -12.55
C LEU A 376 13.52 -12.07 -13.30
N PRO A 377 14.13 -13.21 -12.94
CA PRO A 377 15.47 -13.53 -13.44
C PRO A 377 15.53 -14.00 -14.90
N ASN A 378 16.73 -13.94 -15.47
CA ASN A 378 17.01 -14.43 -16.82
C ASN A 378 18.31 -15.25 -16.79
N HIS A 379 18.50 -16.14 -17.76
CA HIS A 379 19.65 -17.08 -17.71
C HIS A 379 20.39 -17.34 -19.03
N ARG A 380 19.96 -16.74 -20.13
CA ARG A 380 20.44 -17.08 -21.49
C ARG A 380 19.90 -18.45 -21.91
N LYS A 381 20.39 -19.52 -21.28
CA LYS A 381 19.84 -20.86 -21.48
C LYS A 381 19.22 -21.35 -20.17
N TRP A 382 17.92 -21.60 -20.20
CA TRP A 382 17.16 -22.00 -19.01
C TRP A 382 17.25 -23.51 -18.77
N PRO A 383 17.81 -23.93 -17.61
CA PRO A 383 17.74 -25.35 -17.26
C PRO A 383 16.33 -25.79 -16.88
N LYS A 384 16.12 -27.09 -16.77
CA LYS A 384 14.78 -27.64 -16.52
C LYS A 384 14.25 -27.30 -15.12
N ALA A 385 15.12 -27.38 -14.12
CA ALA A 385 14.73 -27.08 -12.73
C ALA A 385 14.23 -25.63 -12.60
N GLU A 386 15.01 -24.68 -13.11
CA GLU A 386 14.63 -23.27 -13.07
C GLU A 386 13.42 -22.96 -13.96
N THR A 387 13.29 -23.73 -15.05
CA THR A 387 12.14 -23.61 -15.94
C THR A 387 10.85 -24.04 -15.22
N ALA A 388 10.93 -25.14 -14.49
CA ALA A 388 9.78 -25.69 -13.77
C ALA A 388 9.33 -24.75 -12.65
N THR A 389 10.25 -24.42 -11.74
CA THR A 389 9.93 -23.60 -10.58
C THR A 389 9.34 -22.24 -10.97
N LEU A 390 9.80 -21.70 -12.10
CA LEU A 390 9.24 -20.47 -12.63
C LEU A 390 7.78 -20.67 -13.01
N ALA A 391 7.48 -21.79 -13.68
CA ALA A 391 6.14 -22.07 -14.18
C ALA A 391 5.07 -22.06 -13.08
N TYR A 392 5.44 -22.55 -11.89
CA TYR A 392 4.53 -22.50 -10.74
C TYR A 392 4.97 -21.51 -9.66
N GLY A 393 5.69 -20.47 -10.07
CA GLY A 393 5.88 -19.26 -9.28
C GLY A 393 6.90 -19.30 -8.15
N TYR A 394 8.08 -19.82 -8.44
CA TYR A 394 9.21 -19.75 -7.50
C TYR A 394 10.47 -19.40 -8.26
N GLY A 395 11.39 -18.70 -7.58
CA GLY A 395 12.58 -18.17 -8.23
C GLY A 395 12.41 -16.73 -8.69
N LEU A 396 11.16 -16.24 -8.64
CA LEU A 396 10.87 -14.83 -8.92
C LEU A 396 10.23 -14.20 -7.69
N SER A 397 10.44 -12.89 -7.53
CA SER A 397 9.91 -12.18 -6.38
C SER A 397 9.09 -10.97 -6.83
N VAL A 398 7.86 -10.87 -6.34
CA VAL A 398 6.97 -9.78 -6.72
C VAL A 398 6.26 -9.17 -5.50
N THR A 399 5.67 -8.00 -5.72
CA THR A 399 4.89 -7.34 -4.69
C THR A 399 3.41 -7.62 -4.93
N ALA A 400 2.59 -7.37 -3.91
CA ALA A 400 1.15 -7.55 -4.02
C ALA A 400 0.57 -6.63 -5.10
N ILE A 401 1.08 -5.40 -5.16
CA ILE A 401 0.63 -4.42 -6.13
C ILE A 401 0.96 -4.86 -7.56
N GLN A 402 2.09 -5.54 -7.74
CA GLN A 402 2.49 -6.09 -9.04
C GLN A 402 1.61 -7.26 -9.43
N LEU A 403 1.31 -8.14 -8.48
CA LEU A 403 0.45 -9.30 -8.73
C LEU A 403 -0.94 -8.83 -9.12
N ALA A 404 -1.46 -7.86 -8.38
CA ALA A 404 -2.77 -7.28 -8.67
C ALA A 404 -2.78 -6.60 -10.03
N HIS A 405 -1.66 -5.99 -10.39
CA HIS A 405 -1.51 -5.34 -11.69
C HIS A 405 -1.49 -6.36 -12.82
N ALA A 406 -0.86 -7.50 -12.58
CA ALA A 406 -0.80 -8.57 -13.56
C ALA A 406 -2.18 -9.17 -13.81
N TYR A 407 -2.92 -9.40 -12.73
CA TYR A 407 -4.29 -9.93 -12.82
C TYR A 407 -5.26 -8.93 -13.43
N ALA A 408 -4.96 -7.64 -13.32
CA ALA A 408 -5.78 -6.59 -13.91
C ALA A 408 -5.72 -6.65 -15.44
N ALA A 409 -4.53 -6.88 -15.97
CA ALA A 409 -4.34 -7.00 -17.42
C ALA A 409 -5.08 -8.23 -17.93
N LEU A 410 -4.90 -9.33 -17.23
CA LEU A 410 -5.61 -10.58 -17.54
C LEU A 410 -7.12 -10.36 -17.50
N ALA A 411 -7.57 -9.59 -16.51
CA ALA A 411 -8.99 -9.28 -16.34
C ALA A 411 -9.52 -8.32 -17.42
N ASN A 412 -8.66 -7.42 -17.91
CA ASN A 412 -9.07 -6.41 -18.87
C ASN A 412 -8.84 -6.85 -20.31
N ASP A 413 -9.17 -8.11 -20.60
CA ASP A 413 -8.95 -8.72 -21.92
C ASP A 413 -7.50 -8.62 -22.40
N GLY A 414 -6.56 -8.90 -21.48
CA GLY A 414 -5.14 -8.89 -21.81
C GLY A 414 -4.54 -7.53 -22.05
N LYS A 415 -5.26 -6.48 -21.63
CA LYS A 415 -4.87 -5.10 -21.90
C LYS A 415 -4.33 -4.47 -20.62
N SER A 416 -3.01 -4.45 -20.50
CA SER A 416 -2.34 -3.88 -19.33
C SER A 416 -2.43 -2.36 -19.33
N VAL A 417 -2.85 -1.79 -18.21
CA VAL A 417 -3.01 -0.35 -18.05
C VAL A 417 -2.12 0.14 -16.91
N PRO A 418 -1.45 1.30 -17.09
CA PRO A 418 -0.51 1.79 -16.07
C PRO A 418 -1.15 2.08 -14.71
N LEU A 419 -0.43 1.75 -13.64
CA LEU A 419 -0.89 1.96 -12.28
C LEU A 419 -0.96 3.44 -11.91
N SER A 420 -1.93 3.79 -11.07
CA SER A 420 -2.07 5.15 -10.56
C SER A 420 -2.57 5.10 -9.13
N MET A 421 -2.04 6.01 -8.31
CA MET A 421 -2.52 6.19 -6.93
C MET A 421 -3.08 7.59 -6.71
N THR A 422 -3.29 8.32 -7.81
CA THR A 422 -4.05 9.56 -7.82
C THR A 422 -5.31 9.32 -8.66
N ARG A 423 -6.32 10.15 -8.45
CA ARG A 423 -7.56 10.05 -9.20
C ARG A 423 -7.28 10.25 -10.69
N VAL A 424 -7.77 9.33 -11.51
CA VAL A 424 -7.54 9.35 -12.96
C VAL A 424 -8.74 10.01 -13.65
N ASP A 425 -8.48 11.08 -14.40
CA ASP A 425 -9.54 11.84 -15.06
C ASP A 425 -9.87 11.32 -16.47
N ARG A 426 -9.06 10.40 -17.00
CA ARG A 426 -9.32 9.79 -18.31
C ARG A 426 -8.74 8.38 -18.40
N VAL A 427 -9.53 7.44 -18.91
CA VAL A 427 -9.06 6.07 -19.12
C VAL A 427 -7.85 6.06 -20.05
N PRO A 428 -6.69 5.61 -19.55
CA PRO A 428 -5.42 5.80 -20.25
C PRO A 428 -5.13 4.78 -21.36
N ASP A 429 -4.10 5.07 -22.15
CA ASP A 429 -3.60 4.14 -23.17
C ASP A 429 -2.81 3.01 -22.51
N GLY A 430 -3.42 1.82 -22.51
CA GLY A 430 -2.74 0.61 -22.05
C GLY A 430 -2.06 -0.12 -23.19
N VAL A 431 -1.47 -1.28 -22.87
CA VAL A 431 -0.75 -2.09 -23.83
C VAL A 431 -1.34 -3.50 -23.87
N GLN A 432 -1.61 -3.99 -25.08
CA GLN A 432 -2.16 -5.33 -25.25
C GLN A 432 -1.05 -6.37 -25.04
N VAL A 433 -0.96 -6.89 -23.82
CA VAL A 433 0.16 -7.78 -23.44
C VAL A 433 -0.17 -9.25 -23.63
N ILE A 434 -1.45 -9.62 -23.45
CA ILE A 434 -1.92 -10.97 -23.73
C ILE A 434 -3.03 -10.85 -24.77
N SER A 435 -3.12 -11.82 -25.67
CA SER A 435 -4.13 -11.79 -26.73
C SER A 435 -5.54 -11.77 -26.13
N PRO A 436 -6.45 -10.98 -26.73
CA PRO A 436 -7.85 -10.91 -26.27
C PRO A 436 -8.52 -12.28 -26.14
N GLU A 437 -8.18 -13.20 -27.04
CA GLU A 437 -8.76 -14.54 -27.02
C GLU A 437 -8.11 -15.42 -25.96
N VAL A 438 -6.78 -15.36 -25.87
CA VAL A 438 -6.04 -16.10 -24.85
C VAL A 438 -6.48 -15.63 -23.47
N ALA A 439 -6.76 -14.34 -23.35
CA ALA A 439 -7.27 -13.75 -22.11
C ALA A 439 -8.62 -14.35 -21.71
N SER A 440 -9.58 -14.32 -22.64
CA SER A 440 -10.93 -14.86 -22.40
C SER A 440 -10.92 -16.33 -21.98
N THR A 441 -10.05 -17.11 -22.62
CA THR A 441 -9.88 -18.51 -22.26
C THR A 441 -9.43 -18.64 -20.81
N VAL A 442 -8.36 -17.92 -20.47
CA VAL A 442 -7.80 -17.97 -19.11
C VAL A 442 -8.79 -17.40 -18.09
N GLN A 443 -9.49 -16.32 -18.46
CA GLN A 443 -10.59 -15.78 -17.65
C GLN A 443 -11.60 -16.87 -17.34
N GLY A 444 -12.02 -17.59 -18.38
CA GLY A 444 -12.94 -18.71 -18.24
C GLY A 444 -12.38 -19.80 -17.34
N MET A 445 -11.11 -20.14 -17.53
CA MET A 445 -10.45 -21.16 -16.71
C MET A 445 -10.39 -20.76 -15.24
N LEU A 446 -10.05 -19.50 -14.97
CA LEU A 446 -9.96 -19.01 -13.59
C LEU A 446 -11.33 -18.94 -12.93
N GLN A 447 -12.37 -18.74 -13.73
CA GLN A 447 -13.74 -18.78 -13.23
C GLN A 447 -14.10 -20.18 -12.75
N GLN A 448 -13.54 -21.19 -13.43
CA GLN A 448 -13.79 -22.59 -13.06
C GLN A 448 -13.15 -22.96 -11.74
N VAL A 449 -11.93 -22.48 -11.47
CA VAL A 449 -11.26 -22.85 -10.22
C VAL A 449 -12.05 -22.32 -9.02
N VAL A 450 -12.78 -21.22 -9.22
CA VAL A 450 -13.66 -20.68 -8.19
C VAL A 450 -14.98 -21.45 -8.10
N GLU A 451 -15.56 -21.80 -9.24
CA GLU A 451 -16.92 -22.33 -9.30
C GLU A 451 -17.05 -23.84 -9.53
N ALA A 452 -16.04 -24.45 -10.14
CA ALA A 452 -16.10 -25.88 -10.47
C ALA A 452 -15.87 -26.75 -9.25
N GLN A 453 -16.13 -28.04 -9.41
CA GLN A 453 -16.04 -29.01 -8.32
C GLN A 453 -14.59 -29.23 -7.91
N GLY A 454 -14.34 -29.27 -6.60
CA GLY A 454 -12.99 -29.35 -6.07
C GLY A 454 -12.23 -28.05 -6.22
N GLY A 455 -12.96 -26.96 -6.45
CA GLY A 455 -12.37 -25.65 -6.66
C GLY A 455 -12.38 -24.81 -5.39
N VAL A 456 -11.92 -23.57 -5.50
CA VAL A 456 -11.86 -22.65 -4.37
C VAL A 456 -13.24 -22.03 -4.17
N PHE A 457 -14.13 -22.78 -3.53
CA PHE A 457 -15.53 -22.40 -3.38
C PHE A 457 -15.75 -21.25 -2.40
N ARG A 458 -14.80 -21.05 -1.48
CA ARG A 458 -14.89 -19.99 -0.49
C ARG A 458 -14.62 -18.59 -1.08
N ALA A 459 -14.08 -18.55 -2.30
CA ALA A 459 -13.82 -17.29 -3.00
C ALA A 459 -15.06 -16.78 -3.74
N GLN A 460 -16.13 -17.57 -3.78
CA GLN A 460 -17.33 -17.20 -4.52
C GLN A 460 -18.01 -15.97 -3.92
N VAL A 461 -18.61 -15.16 -4.79
CA VAL A 461 -19.23 -13.90 -4.38
C VAL A 461 -20.73 -14.00 -4.66
N PRO A 462 -21.56 -13.91 -3.60
CA PRO A 462 -23.01 -13.99 -3.79
C PRO A 462 -23.52 -12.93 -4.78
N GLY A 463 -24.18 -13.38 -5.85
CA GLY A 463 -24.70 -12.49 -6.87
C GLY A 463 -23.73 -12.19 -8.01
N TYR A 464 -22.50 -12.70 -7.91
CA TYR A 464 -21.48 -12.42 -8.92
C TYR A 464 -20.69 -13.66 -9.34
N HIS A 465 -20.33 -13.72 -10.62
CA HIS A 465 -19.37 -14.71 -11.12
C HIS A 465 -17.97 -14.18 -10.88
N ALA A 466 -17.23 -14.82 -9.99
CA ALA A 466 -15.88 -14.37 -9.65
C ALA A 466 -14.84 -15.36 -10.15
N ALA A 467 -13.73 -14.83 -10.67
CA ALA A 467 -12.61 -15.63 -11.12
C ALA A 467 -11.38 -15.27 -10.30
N GLY A 468 -10.48 -16.24 -10.14
CA GLY A 468 -9.27 -16.02 -9.36
C GLY A 468 -8.51 -17.31 -9.13
N LYS A 469 -7.37 -17.22 -8.45
CA LYS A 469 -6.55 -18.39 -8.16
C LYS A 469 -5.97 -18.30 -6.76
N SER A 470 -6.06 -19.39 -6.02
CA SER A 470 -5.49 -19.48 -4.67
C SER A 470 -4.03 -19.90 -4.76
N GLY A 471 -3.32 -19.72 -3.66
CA GLY A 471 -1.92 -20.13 -3.59
C GLY A 471 -1.45 -20.29 -2.16
N THR A 472 -0.60 -21.28 -1.95
CA THR A 472 0.06 -21.49 -0.66
C THR A 472 1.53 -21.68 -0.92
N ALA A 473 2.37 -20.96 -0.19
CA ALA A 473 3.81 -20.96 -0.44
C ALA A 473 4.59 -20.99 0.86
N ARG A 474 5.62 -21.83 0.91
CA ARG A 474 6.54 -21.85 2.04
C ARG A 474 7.42 -20.61 1.99
N LYS A 475 7.62 -19.97 3.14
CA LYS A 475 8.49 -18.80 3.22
C LYS A 475 9.94 -19.22 3.05
N VAL A 476 10.77 -18.28 2.58
CA VAL A 476 12.19 -18.57 2.31
C VAL A 476 12.95 -18.60 3.62
N SER A 477 13.93 -19.49 3.71
CA SER A 477 14.72 -19.66 4.93
C SER A 477 15.45 -18.38 5.31
N VAL A 478 15.59 -18.14 6.61
CA VAL A 478 16.30 -16.98 7.13
C VAL A 478 17.80 -17.04 6.78
N GLY A 479 18.13 -16.60 5.57
CA GLY A 479 19.52 -16.52 5.10
C GLY A 479 20.17 -17.87 4.82
N THR A 480 19.47 -18.72 4.08
CA THR A 480 20.01 -20.02 3.67
C THR A 480 19.38 -20.45 2.33
N LYS A 481 20.00 -21.43 1.68
CA LYS A 481 19.56 -21.93 0.37
C LYS A 481 18.09 -22.37 0.32
N GLY A 482 17.61 -23.00 1.39
CA GLY A 482 16.32 -23.70 1.37
C GLY A 482 15.09 -22.89 1.69
N TYR A 483 14.02 -23.60 2.06
CA TYR A 483 12.73 -23.00 2.41
C TYR A 483 12.29 -23.45 3.80
N ARG A 484 11.40 -22.67 4.41
CA ARG A 484 10.83 -23.03 5.71
C ARG A 484 9.85 -24.19 5.53
N GLU A 485 9.60 -24.94 6.60
CA GLU A 485 8.52 -25.94 6.61
C GLU A 485 7.56 -25.81 7.79
N ASN A 486 7.65 -24.68 8.50
CA ASN A 486 6.70 -24.30 9.53
C ASN A 486 5.95 -23.03 9.14
N ALA A 487 6.45 -22.31 8.14
CA ALA A 487 5.96 -20.98 7.80
C ALA A 487 5.42 -20.95 6.37
N TYR A 488 4.17 -20.51 6.23
CA TYR A 488 3.52 -20.42 4.93
C TYR A 488 3.00 -19.01 4.66
N ARG A 489 2.83 -18.71 3.37
CA ARG A 489 2.16 -17.50 2.94
C ARG A 489 0.89 -17.91 2.19
N SER A 490 -0.26 -17.45 2.67
CA SER A 490 -1.54 -17.79 2.06
C SER A 490 -1.96 -16.70 1.07
N LEU A 491 -2.13 -17.10 -0.18
CA LEU A 491 -2.40 -16.14 -1.26
C LEU A 491 -3.73 -16.42 -1.95
N PHE A 492 -4.40 -15.35 -2.35
CA PHE A 492 -5.47 -15.44 -3.33
C PHE A 492 -5.49 -14.18 -4.19
N ALA A 493 -5.40 -14.37 -5.50
CA ALA A 493 -5.52 -13.28 -6.46
C ALA A 493 -6.71 -13.58 -7.36
N GLY A 494 -7.44 -12.53 -7.75
CA GLY A 494 -8.59 -12.70 -8.63
C GLY A 494 -9.24 -11.41 -9.05
N PHE A 495 -10.42 -11.52 -9.64
CA PHE A 495 -11.15 -10.37 -10.17
C PHE A 495 -12.62 -10.71 -10.41
N ALA A 496 -13.45 -9.69 -10.55
CA ALA A 496 -14.88 -9.87 -10.73
C ALA A 496 -15.50 -8.58 -11.27
N PRO A 497 -16.68 -8.69 -11.92
CA PRO A 497 -17.39 -9.92 -12.28
C PRO A 497 -16.78 -10.56 -13.53
N ALA A 498 -16.86 -11.89 -13.63
CA ALA A 498 -16.26 -12.61 -14.74
C ALA A 498 -16.84 -12.23 -16.11
N THR A 499 -18.10 -11.81 -16.13
CA THR A 499 -18.78 -11.42 -17.37
C THR A 499 -18.23 -10.11 -17.94
N ASP A 500 -17.81 -9.19 -17.08
CA ASP A 500 -17.20 -7.93 -17.48
C ASP A 500 -16.38 -7.38 -16.31
N PRO A 501 -15.13 -7.87 -16.15
CA PRO A 501 -14.29 -7.53 -14.99
C PRO A 501 -14.11 -6.03 -14.77
N ARG A 502 -14.37 -5.60 -13.54
CA ARG A 502 -14.27 -4.20 -13.14
C ARG A 502 -13.09 -3.97 -12.20
N ILE A 503 -12.95 -4.83 -11.19
CA ILE A 503 -11.89 -4.68 -10.20
C ILE A 503 -11.11 -6.00 -10.00
N ALA A 504 -9.82 -5.88 -9.70
CA ALA A 504 -8.97 -7.03 -9.38
C ALA A 504 -8.46 -6.88 -7.96
N MET A 505 -8.27 -8.00 -7.28
CA MET A 505 -7.89 -7.99 -5.87
C MET A 505 -6.86 -9.05 -5.56
N VAL A 506 -5.96 -8.73 -4.64
CA VAL A 506 -4.97 -9.66 -4.12
C VAL A 506 -5.04 -9.63 -2.60
N VAL A 507 -4.96 -10.83 -2.00
CA VAL A 507 -4.94 -10.97 -0.55
C VAL A 507 -3.75 -11.84 -0.16
N VAL A 508 -2.93 -11.34 0.76
CA VAL A 508 -1.77 -12.08 1.23
C VAL A 508 -1.74 -12.09 2.74
N ILE A 509 -1.52 -13.28 3.31
CA ILE A 509 -1.48 -13.45 4.76
C ILE A 509 -0.24 -14.26 5.15
N ASP A 510 0.61 -13.67 5.99
CA ASP A 510 1.87 -14.30 6.40
C ASP A 510 1.69 -15.16 7.64
N GLU A 511 2.18 -16.40 7.57
CA GLU A 511 2.22 -17.31 8.71
C GLU A 511 0.89 -17.46 9.45
N PRO A 512 -0.13 -17.99 8.77
CA PRO A 512 -1.33 -18.42 9.49
C PRO A 512 -0.98 -19.61 10.38
N SER A 513 -1.52 -19.68 11.58
CA SER A 513 -0.99 -20.57 12.62
C SER A 513 -1.99 -21.33 13.50
N LYS A 514 -3.28 -21.29 13.19
CA LYS A 514 -4.28 -21.95 14.05
C LYS A 514 -5.61 -22.36 13.42
N ALA A 515 -5.69 -22.43 12.09
CA ALA A 515 -6.94 -22.80 11.42
C ALA A 515 -6.69 -23.12 9.96
N GLY A 516 -5.78 -24.07 9.72
CA GLY A 516 -5.33 -24.38 8.37
C GLY A 516 -4.39 -23.31 7.86
N TYR A 517 -3.86 -23.52 6.66
CA TYR A 517 -2.93 -22.56 6.07
C TYR A 517 -3.01 -22.42 4.54
N PHE A 518 -3.90 -23.17 3.89
CA PHE A 518 -4.02 -23.09 2.45
C PHE A 518 -4.63 -21.75 2.05
N GLY A 519 -4.19 -21.21 0.92
CA GLY A 519 -4.68 -19.93 0.41
C GLY A 519 -6.18 -19.93 0.18
N GLY A 520 -6.71 -21.01 -0.38
CA GLY A 520 -8.14 -21.14 -0.64
C GLY A 520 -8.98 -21.32 0.62
N LEU A 521 -8.31 -21.51 1.75
CA LEU A 521 -8.95 -21.65 3.05
C LEU A 521 -8.89 -20.33 3.81
N VAL A 522 -7.74 -19.66 3.76
CA VAL A 522 -7.45 -18.49 4.58
C VAL A 522 -7.65 -17.17 3.84
N SER A 523 -7.13 -17.08 2.61
CA SER A 523 -7.20 -15.83 1.85
C SER A 523 -8.49 -15.70 1.04
N ALA A 524 -9.01 -16.83 0.57
CA ALA A 524 -10.20 -16.83 -0.29
C ALA A 524 -11.44 -16.21 0.38
N PRO A 525 -11.74 -16.59 1.64
CA PRO A 525 -12.88 -15.97 2.32
C PRO A 525 -12.80 -14.44 2.38
N VAL A 526 -11.58 -13.92 2.54
CA VAL A 526 -11.36 -12.47 2.61
C VAL A 526 -11.68 -11.84 1.26
N PHE A 527 -11.16 -12.45 0.20
CA PHE A 527 -11.48 -12.04 -1.15
C PHE A 527 -13.00 -11.95 -1.35
N SER A 528 -13.69 -13.04 -1.03
CA SER A 528 -15.15 -13.12 -1.15
C SER A 528 -15.84 -11.99 -0.40
N LYS A 529 -15.44 -11.79 0.85
CA LYS A 529 -16.06 -10.78 1.71
C LYS A 529 -15.86 -9.39 1.12
N VAL A 530 -14.60 -9.04 0.87
CA VAL A 530 -14.26 -7.67 0.45
C VAL A 530 -14.75 -7.37 -0.97
N MET A 531 -14.66 -8.37 -1.85
CA MET A 531 -15.10 -8.20 -3.23
C MET A 531 -16.60 -7.96 -3.29
N ALA A 532 -17.35 -8.66 -2.44
CA ALA A 532 -18.80 -8.50 -2.37
C ALA A 532 -19.16 -7.04 -2.05
N GLY A 533 -18.50 -6.50 -1.04
CA GLY A 533 -18.71 -5.11 -0.66
C GLY A 533 -18.22 -4.15 -1.72
N ALA A 534 -17.02 -4.40 -2.22
CA ALA A 534 -16.40 -3.57 -3.25
C ALA A 534 -17.34 -3.33 -4.43
N LEU A 535 -17.90 -4.42 -4.96
CA LEU A 535 -18.75 -4.34 -6.14
C LEU A 535 -20.03 -3.55 -5.91
N ARG A 536 -20.70 -3.79 -4.78
CA ARG A 536 -21.96 -3.09 -4.50
C ARG A 536 -21.73 -1.61 -4.20
N LEU A 537 -20.59 -1.29 -3.61
CA LEU A 537 -20.21 0.09 -3.32
C LEU A 537 -19.99 0.88 -4.61
N MET A 538 -19.56 0.21 -5.68
CA MET A 538 -19.39 0.84 -6.98
C MET A 538 -20.61 0.64 -7.87
N ASN A 539 -21.71 0.14 -7.29
CA ASN A 539 -22.94 -0.14 -8.02
C ASN A 539 -22.72 -0.96 -9.30
N VAL A 540 -22.03 -2.09 -9.14
CA VAL A 540 -21.84 -3.05 -10.23
C VAL A 540 -23.04 -4.00 -10.27
N PRO A 541 -23.66 -4.17 -11.45
CA PRO A 541 -24.83 -5.04 -11.55
C PRO A 541 -24.49 -6.53 -11.37
N PRO A 542 -25.22 -7.23 -10.47
CA PRO A 542 -25.02 -8.67 -10.25
C PRO A 542 -25.25 -9.51 -11.50
N ASP A 543 -24.30 -10.40 -11.81
CA ASP A 543 -24.39 -11.24 -13.02
C ASP A 543 -24.60 -12.73 -12.70
N ASN A 544 -24.73 -13.08 -11.42
CA ASN A 544 -24.89 -14.46 -10.99
C ASN A 544 -26.05 -14.60 -10.00
N LEU A 545 -27.27 -14.49 -10.51
CA LEU A 545 -28.48 -14.56 -9.69
C LEU A 545 -28.91 -16.00 -9.44
N PRO A 546 -29.42 -16.30 -8.22
CA PRO A 546 -29.47 -15.42 -7.04
C PRO A 546 -28.16 -15.44 -6.27
#